data_8OOG
#
_entry.id   8OOG
#
_cell.length_a   67.880
_cell.length_b   94.220
_cell.length_c   116.960
_cell.angle_alpha   90.00
_cell.angle_beta   90.00
_cell.angle_gamma   90.00
#
_symmetry.space_group_name_H-M   'I 2 2 2'
#
loop_
_entity.id
_entity.type
_entity.pdbx_description
1 polymer 'S-adenosylmethionine synthase isoform type-2'
2 non-polymer S-ADENOSYLMETHIONINE
3 non-polymer 6-oxidanyl-1,3-benzoxathiol-2-one
4 non-polymer 'DIMETHYL SULFOXIDE'
5 water water
#
_entity_poly.entity_id   1
_entity_poly.type   'polypeptide(L)'
_entity_poly.pdbx_seq_one_letter_code
;QSMNGQLNGFHEAFIEEGTFLFTSESVGEGHPDKICDQISDAVLDAHLQQDPDAKVACETVAKTGMILLAGEITSRAAVD
YQKVVREAVKHIGYDDSSKGFDYKTCNVLVALEQQSPDIAQGVHLDRNEEDIGAGDQGLMFGYATDETEECMPLTIVLAH
KLNAKLAELRRNGTLPWLRPDSKTQVTVQYMQDRGAVLPIRVHTIVISVQHDEEVCLDEMRDALKEKVIKAVVPAKYLDE
DTIYHLQPSGRFVIGGPQGDAGLTGRKIIVDTYGGWGAHGGGAFSGKDYTKVDRSAAYAARWVAKSLVKGGLCRRVLVQV
SYAIGVSHPLSISIFHYGTSQKSERELLEIVKKNFDLRPGVIVRDLDLKKPIYQRTAAYGHFGRDSFPWEVPKKLKY
;
_entity_poly.pdbx_strand_id   A
#
# COMPACT_ATOMS: atom_id res chain seq x y z
N GLY A 18 10.50 30.17 1.06
CA GLY A 18 11.00 28.86 0.66
C GLY A 18 10.27 27.68 1.29
N THR A 19 9.29 27.94 2.17
CA THR A 19 8.58 26.83 2.82
C THR A 19 7.27 26.50 2.12
N PHE A 20 6.80 25.26 2.29
CA PHE A 20 5.55 24.83 1.69
C PHE A 20 4.92 23.78 2.57
N LEU A 21 3.62 23.57 2.40
CA LEU A 21 2.92 22.52 3.11
C LEU A 21 2.68 21.35 2.18
N PHE A 22 2.62 20.14 2.73
CA PHE A 22 2.27 18.96 1.94
C PHE A 22 1.52 18.03 2.87
N THR A 23 0.46 17.42 2.37
CA THR A 23 -0.39 16.55 3.18
C THR A 23 -0.46 15.16 2.58
N SER A 24 -0.45 14.12 3.46
CA SER A 24 -0.72 12.74 3.09
C SER A 24 -1.68 12.12 4.04
N GLU A 25 -2.37 11.06 3.61
CA GLU A 25 -3.27 10.34 4.50
C GLU A 25 -2.93 8.87 4.57
N SER A 26 -3.47 8.21 5.60
CA SER A 26 -3.40 6.77 5.70
C SER A 26 -4.72 6.30 6.31
N VAL A 27 -4.96 4.98 6.24
CA VAL A 27 -6.16 4.39 6.83
C VAL A 27 -5.80 3.14 7.62
N GLY A 28 -6.69 2.75 8.52
CA GLY A 28 -6.45 1.58 9.35
C GLY A 28 -6.86 0.28 8.69
N GLU A 29 -6.54 -0.82 9.37
CA GLU A 29 -6.84 -2.15 8.86
C GLU A 29 -8.33 -2.38 8.66
N GLY A 30 -9.18 -1.75 9.46
CA GLY A 30 -10.63 -1.91 9.35
C GLY A 30 -11.34 -0.89 8.49
N HIS A 31 -10.59 0.01 7.80
CA HIS A 31 -11.21 0.91 6.82
C HIS A 31 -11.76 -0.02 5.69
N PRO A 32 -13.00 0.15 5.27
CA PRO A 32 -13.61 -0.83 4.35
C PRO A 32 -12.84 -1.10 3.05
N ASP A 33 -12.18 -0.07 2.47
CA ASP A 33 -11.37 -0.30 1.27
C ASP A 33 -10.16 -1.17 1.64
N LYS A 34 -9.51 -0.90 2.79
CA LYS A 34 -8.39 -1.72 3.24
C LYS A 34 -8.79 -3.13 3.61
N ILE A 35 -10.01 -3.34 4.13
CA ILE A 35 -10.51 -4.71 4.36
C ILE A 35 -10.47 -5.48 3.04
N CYS A 36 -10.93 -4.85 1.97
CA CYS A 36 -10.95 -5.46 0.66
C CYS A 36 -9.59 -5.77 0.13
N ASP A 37 -8.61 -4.85 0.29
CA ASP A 37 -7.25 -5.15 -0.13
C ASP A 37 -6.67 -6.32 0.63
N GLN A 38 -6.89 -6.39 1.94
CA GLN A 38 -6.38 -7.49 2.73
C GLN A 38 -7.02 -8.81 2.36
N ILE A 39 -8.33 -8.84 2.10
CA ILE A 39 -9.00 -10.09 1.71
C ILE A 39 -8.50 -10.54 0.34
N SER A 40 -8.38 -9.61 -0.62
CA SER A 40 -7.87 -9.94 -1.95
C SER A 40 -6.48 -10.54 -1.86
N ASP A 41 -5.59 -10.00 -0.96
CA ASP A 41 -4.26 -10.58 -0.84
C ASP A 41 -4.23 -11.83 -0.01
N ALA A 42 -5.20 -12.04 0.92
CA ALA A 42 -5.29 -13.31 1.64
C ALA A 42 -5.69 -14.42 0.64
N VAL A 43 -6.57 -14.11 -0.32
CA VAL A 43 -6.96 -15.07 -1.35
C VAL A 43 -5.75 -15.39 -2.25
N LEU A 44 -5.00 -14.35 -2.67
CA LEU A 44 -3.79 -14.58 -3.48
C LEU A 44 -2.80 -15.49 -2.73
N ASP A 45 -2.50 -15.17 -1.47
CA ASP A 45 -1.56 -15.98 -0.69
C ASP A 45 -2.04 -17.42 -0.54
N ALA A 46 -3.34 -17.64 -0.33
CA ALA A 46 -3.87 -19.00 -0.20
C ALA A 46 -3.61 -19.81 -1.47
N HIS A 47 -3.76 -19.17 -2.64
CA HIS A 47 -3.45 -19.84 -3.91
C HIS A 47 -1.96 -20.10 -4.07
N LEU A 48 -1.12 -19.09 -3.77
CA LEU A 48 0.33 -19.24 -3.92
C LEU A 48 0.94 -20.26 -2.98
N GLN A 49 0.34 -20.48 -1.80
CA GLN A 49 0.83 -21.50 -0.86
C GLN A 49 0.80 -22.89 -1.49
N GLN A 50 -0.16 -23.15 -2.39
CA GLN A 50 -0.29 -24.46 -3.05
C GLN A 50 0.20 -24.47 -4.49
N ASP A 51 0.01 -23.36 -5.21
CA ASP A 51 0.39 -23.25 -6.61
C ASP A 51 1.14 -21.94 -6.81
N PRO A 52 2.47 -22.01 -6.84
CA PRO A 52 3.26 -20.77 -7.03
C PRO A 52 3.02 -20.05 -8.36
N ASP A 53 2.45 -20.75 -9.35
CA ASP A 53 2.15 -20.18 -10.65
C ASP A 53 0.68 -19.81 -10.84
N ALA A 54 -0.09 -19.70 -9.75
CA ALA A 54 -1.50 -19.32 -9.82
C ALA A 54 -1.66 -17.95 -10.52
N LYS A 55 -2.66 -17.84 -11.41
CA LYS A 55 -3.00 -16.57 -12.07
C LYS A 55 -4.20 -16.04 -11.33
N VAL A 56 -4.02 -14.94 -10.62
CA VAL A 56 -5.03 -14.41 -9.71
C VAL A 56 -5.33 -12.96 -10.01
N ALA A 57 -6.61 -12.62 -10.04
CA ALA A 57 -7.09 -11.25 -10.24
C ALA A 57 -8.37 -11.15 -9.43
N CYS A 58 -8.22 -11.08 -8.12
CA CYS A 58 -9.33 -11.13 -7.17
C CYS A 58 -9.71 -9.79 -6.63
N GLU A 59 -10.87 -9.29 -7.00
CA GLU A 59 -11.38 -8.04 -6.44
C GLU A 59 -12.35 -8.38 -5.30
N THR A 60 -12.41 -7.53 -4.30
CA THR A 60 -13.30 -7.73 -3.15
C THR A 60 -14.15 -6.47 -3.00
N VAL A 61 -15.42 -6.65 -2.64
CA VAL A 61 -16.35 -5.57 -2.34
C VAL A 61 -16.90 -5.85 -0.92
N ALA A 62 -16.99 -4.81 -0.11
CA ALA A 62 -17.52 -4.92 1.25
C ALA A 62 -18.62 -3.92 1.49
N LYS A 63 -19.75 -4.38 1.97
CA LYS A 63 -20.80 -3.49 2.39
C LYS A 63 -21.43 -4.18 3.60
N THR A 64 -22.38 -3.55 4.28
CA THR A 64 -23.03 -4.12 5.47
C THR A 64 -23.32 -5.63 5.32
N GLY A 65 -22.65 -6.42 6.14
CA GLY A 65 -22.86 -7.87 6.19
C GLY A 65 -22.36 -8.67 5.02
N MET A 66 -21.63 -8.08 4.08
CA MET A 66 -21.24 -8.75 2.87
C MET A 66 -19.82 -8.55 2.49
N ILE A 67 -19.18 -9.66 2.12
CA ILE A 67 -17.92 -9.72 1.40
C ILE A 67 -18.22 -10.42 0.08
N LEU A 68 -18.03 -9.74 -1.06
CA LEU A 68 -18.18 -10.36 -2.37
C LEU A 68 -16.81 -10.45 -3.02
N LEU A 69 -16.44 -11.63 -3.52
CA LEU A 69 -15.21 -11.79 -4.31
C LEU A 69 -15.61 -11.85 -5.79
N ALA A 70 -15.00 -11.04 -6.63
CA ALA A 70 -15.33 -11.02 -8.05
C ALA A 70 -14.03 -10.94 -8.82
N GLY A 71 -13.90 -11.77 -9.83
CA GLY A 71 -12.68 -11.77 -10.62
C GLY A 71 -12.38 -13.10 -11.25
N GLU A 72 -11.09 -13.28 -11.53
CA GLU A 72 -10.64 -14.40 -12.32
C GLU A 72 -9.42 -15.05 -11.69
N ILE A 73 -9.50 -16.36 -11.52
CA ILE A 73 -8.41 -17.15 -10.94
C ILE A 73 -8.28 -18.47 -11.68
N THR A 74 -7.08 -18.76 -12.19
CA THR A 74 -6.73 -20.06 -12.76
C THR A 74 -5.61 -20.61 -11.92
N SER A 75 -5.90 -21.71 -11.21
CA SER A 75 -4.96 -22.24 -10.25
C SER A 75 -5.21 -23.70 -9.98
N ARG A 76 -4.15 -24.43 -9.60
CA ARG A 76 -4.30 -25.82 -9.19
C ARG A 76 -4.55 -25.96 -7.67
N ALA A 77 -4.60 -24.85 -6.93
CA ALA A 77 -4.84 -24.89 -5.48
C ALA A 77 -6.29 -25.19 -5.15
N ALA A 78 -6.50 -25.85 -4.00
CA ALA A 78 -7.83 -26.12 -3.45
C ALA A 78 -8.00 -25.11 -2.31
N VAL A 79 -8.78 -24.04 -2.56
CA VAL A 79 -8.92 -22.97 -1.58
C VAL A 79 -10.33 -22.90 -1.02
N ASP A 80 -10.44 -22.83 0.30
CA ASP A 80 -11.73 -22.67 0.96
C ASP A 80 -11.90 -21.16 1.12
N TYR A 81 -12.65 -20.52 0.21
CA TYR A 81 -12.89 -19.08 0.26
C TYR A 81 -13.59 -18.62 1.51
N GLN A 82 -14.54 -19.42 2.04
CA GLN A 82 -15.23 -19.05 3.26
C GLN A 82 -14.26 -18.89 4.42
N LYS A 83 -13.36 -19.85 4.59
CA LYS A 83 -12.37 -19.84 5.65
C LYS A 83 -11.35 -18.72 5.44
N VAL A 84 -10.82 -18.55 4.22
CA VAL A 84 -9.81 -17.52 3.97
C VAL A 84 -10.35 -16.13 4.26
N VAL A 85 -11.54 -15.82 3.76
CA VAL A 85 -12.17 -14.52 3.95
C VAL A 85 -12.48 -14.27 5.43
N ARG A 86 -13.12 -15.22 6.10
CA ARG A 86 -13.47 -15.02 7.48
C ARG A 86 -12.26 -14.91 8.39
N GLU A 87 -11.20 -15.67 8.13
CA GLU A 87 -9.98 -15.55 8.93
C GLU A 87 -9.36 -14.16 8.76
N ALA A 88 -9.43 -13.59 7.55
CA ALA A 88 -8.88 -12.25 7.33
C ALA A 88 -9.66 -11.20 8.09
N VAL A 89 -11.00 -11.32 8.10
CA VAL A 89 -11.85 -10.37 8.83
C VAL A 89 -11.66 -10.51 10.34
N LYS A 90 -11.46 -11.75 10.83
CA LYS A 90 -11.17 -12.00 12.24
C LYS A 90 -9.88 -11.29 12.64
N HIS A 91 -8.82 -11.40 11.81
CA HIS A 91 -7.54 -10.74 12.09
C HIS A 91 -7.69 -9.23 12.24
N ILE A 92 -8.49 -8.64 11.39
CA ILE A 92 -8.74 -7.20 11.41
C ILE A 92 -9.43 -6.77 12.68
N GLY A 93 -10.29 -7.62 13.25
CA GLY A 93 -10.94 -7.29 14.50
C GLY A 93 -12.45 -7.18 14.44
N TYR A 94 -13.06 -7.47 13.29
CA TYR A 94 -14.52 -7.37 13.17
C TYR A 94 -15.14 -8.71 13.58
N ASP A 95 -15.45 -8.83 14.87
CA ASP A 95 -15.87 -10.09 15.46
C ASP A 95 -17.16 -10.03 16.25
N ASP A 96 -17.99 -9.02 16.03
CA ASP A 96 -19.25 -8.89 16.77
C ASP A 96 -20.15 -7.90 16.10
N SER A 97 -21.46 -8.17 16.11
CA SER A 97 -22.42 -7.25 15.51
C SER A 97 -22.41 -5.86 16.18
N SER A 98 -21.99 -5.78 17.45
CA SER A 98 -21.89 -4.46 18.11
C SER A 98 -20.89 -3.55 17.39
N LYS A 99 -19.86 -4.13 16.75
CA LYS A 99 -18.84 -3.37 16.01
C LYS A 99 -19.23 -3.07 14.57
N GLY A 100 -20.39 -3.56 14.14
CA GLY A 100 -20.93 -3.30 12.81
C GLY A 100 -20.65 -4.40 11.79
N PHE A 101 -19.81 -5.38 12.13
CA PHE A 101 -19.39 -6.43 11.19
C PHE A 101 -18.85 -7.60 11.98
N ASP A 102 -19.14 -8.83 11.55
CA ASP A 102 -18.68 -10.02 12.26
C ASP A 102 -18.26 -11.09 11.28
N TYR A 103 -17.00 -11.56 11.39
CA TYR A 103 -16.50 -12.62 10.51
C TYR A 103 -17.30 -13.92 10.65
N LYS A 104 -17.85 -14.19 11.82
CA LYS A 104 -18.57 -15.44 12.02
C LYS A 104 -19.88 -15.49 11.26
N THR A 105 -20.53 -14.33 11.08
CA THR A 105 -21.92 -14.31 10.60
C THR A 105 -22.14 -13.50 9.33
N CYS A 106 -21.11 -12.87 8.76
CA CYS A 106 -21.31 -12.12 7.53
C CYS A 106 -21.57 -13.08 6.34
N ASN A 107 -22.10 -12.51 5.28
CA ASN A 107 -22.30 -13.22 4.02
C ASN A 107 -21.01 -13.12 3.21
N VAL A 108 -20.53 -14.26 2.70
CA VAL A 108 -19.39 -14.34 1.78
C VAL A 108 -19.94 -14.90 0.47
N LEU A 109 -19.94 -14.07 -0.58
CA LEU A 109 -20.46 -14.40 -1.91
C LEU A 109 -19.28 -14.49 -2.84
N VAL A 110 -19.27 -15.48 -3.73
CA VAL A 110 -18.16 -15.69 -4.64
C VAL A 110 -18.60 -15.66 -6.11
N ALA A 111 -18.00 -14.78 -6.93
CA ALA A 111 -18.27 -14.68 -8.36
C ALA A 111 -16.92 -14.73 -9.07
N LEU A 112 -16.27 -15.89 -9.00
CA LEU A 112 -14.93 -16.10 -9.55
C LEU A 112 -14.99 -17.06 -10.69
N GLU A 113 -14.35 -16.68 -11.79
CA GLU A 113 -14.26 -17.51 -12.97
C GLU A 113 -12.81 -17.77 -13.31
N GLN A 114 -12.52 -18.62 -14.29
CA GLN A 114 -11.14 -18.82 -14.73
C GLN A 114 -10.67 -17.54 -15.46
N GLN A 115 -9.36 -17.36 -15.54
CA GLN A 115 -8.81 -16.28 -16.36
C GLN A 115 -9.25 -16.46 -17.82
N SER A 116 -9.57 -15.35 -18.49
CA SER A 116 -9.90 -15.36 -19.90
C SER A 116 -8.82 -16.12 -20.72
N PRO A 117 -9.23 -17.12 -21.50
CA PRO A 117 -8.25 -17.83 -22.34
C PRO A 117 -7.57 -16.90 -23.35
N ASP A 118 -8.26 -15.81 -23.76
CA ASP A 118 -7.64 -14.84 -24.69
C ASP A 118 -6.49 -14.14 -23.99
N ILE A 119 -6.63 -13.78 -22.70
CA ILE A 119 -5.54 -13.17 -21.96
C ILE A 119 -4.43 -14.19 -21.77
N ALA A 120 -4.79 -15.40 -21.35
CA ALA A 120 -3.80 -16.44 -21.08
C ALA A 120 -2.91 -16.75 -22.28
N GLN A 121 -3.51 -16.89 -23.46
CA GLN A 121 -2.75 -17.17 -24.67
C GLN A 121 -1.83 -16.00 -25.08
N GLY A 122 -2.26 -14.77 -24.81
CA GLY A 122 -1.46 -13.61 -25.19
C GLY A 122 -0.38 -13.25 -24.21
N VAL A 123 -0.50 -13.73 -22.97
CA VAL A 123 0.43 -13.35 -21.91
C VAL A 123 1.44 -14.45 -21.53
N HIS A 124 0.98 -15.66 -21.21
CA HIS A 124 1.89 -16.65 -20.62
C HIS A 124 1.84 -18.05 -21.19
N LEU A 125 0.77 -18.44 -21.88
CA LEU A 125 0.73 -19.80 -22.42
C LEU A 125 1.84 -20.07 -23.41
N ASP A 126 2.57 -21.15 -23.17
CA ASP A 126 3.71 -21.61 -23.98
C ASP A 126 4.93 -20.71 -23.93
N ARG A 127 4.96 -19.76 -22.99
CA ARG A 127 6.06 -18.84 -22.90
C ARG A 127 7.08 -19.28 -21.89
N ASN A 128 8.35 -19.01 -22.21
CA ASN A 128 9.47 -19.22 -21.28
C ASN A 128 9.25 -18.22 -20.13
N GLU A 129 9.43 -18.62 -18.86
CA GLU A 129 9.11 -17.71 -17.76
C GLU A 129 9.77 -16.33 -17.87
N GLU A 130 11.06 -16.30 -18.21
CA GLU A 130 11.75 -15.01 -18.35
C GLU A 130 11.13 -14.13 -19.44
N ASP A 131 10.47 -14.75 -20.43
CA ASP A 131 9.88 -14.06 -21.57
C ASP A 131 8.37 -14.00 -21.56
N ILE A 132 7.75 -14.17 -20.38
CA ILE A 132 6.32 -14.00 -20.27
C ILE A 132 5.98 -12.54 -20.56
N GLY A 133 4.86 -12.32 -21.19
CA GLY A 133 4.44 -10.97 -21.52
C GLY A 133 3.89 -10.29 -20.29
N ALA A 134 3.86 -8.94 -20.33
CA ALA A 134 3.17 -8.18 -19.28
C ALA A 134 1.68 -8.60 -19.30
N GLY A 135 1.09 -8.74 -18.12
CA GLY A 135 -0.29 -9.18 -18.00
C GLY A 135 -1.34 -8.17 -18.44
N ASP A 136 -0.90 -6.93 -18.70
CA ASP A 136 -1.76 -5.86 -19.16
C ASP A 136 -0.82 -4.75 -19.64
N GLN A 137 -1.38 -3.75 -20.35
CA GLN A 137 -0.65 -2.54 -20.58
C GLN A 137 -0.70 -1.70 -19.28
N GLY A 138 0.06 -0.63 -19.22
CA GLY A 138 -0.05 0.31 -18.13
C GLY A 138 1.23 1.07 -17.87
N LEU A 139 1.12 2.02 -16.96
CA LEU A 139 2.26 2.83 -16.54
C LEU A 139 2.38 2.70 -15.05
N MET A 140 3.61 2.77 -14.55
CA MET A 140 3.87 2.61 -13.10
C MET A 140 5.02 3.52 -12.72
N PHE A 141 4.99 4.00 -11.49
CA PHE A 141 6.06 4.86 -10.98
C PHE A 141 6.68 4.29 -9.74
N GLY A 142 7.95 4.63 -9.55
CA GLY A 142 8.71 4.36 -8.34
C GLY A 142 9.20 5.71 -7.83
N TYR A 143 9.29 5.84 -6.53
CA TYR A 143 9.72 7.09 -5.89
C TYR A 143 10.54 6.79 -4.65
N ALA A 144 11.56 7.64 -4.39
CA ALA A 144 12.33 7.55 -3.17
C ALA A 144 12.83 8.94 -2.81
N THR A 145 12.95 9.22 -1.52
CA THR A 145 13.38 10.51 -0.99
C THR A 145 14.26 10.25 0.22
N ASP A 146 15.36 10.98 0.37
CA ASP A 146 16.27 10.81 1.49
C ASP A 146 15.79 11.46 2.78
N GLU A 147 14.56 11.99 2.84
CA GLU A 147 14.10 12.69 4.04
C GLU A 147 13.90 11.77 5.24
N THR A 148 13.77 10.44 5.04
CA THR A 148 13.69 9.44 6.11
C THR A 148 14.68 8.33 5.77
N GLU A 149 15.10 7.53 6.78
CA GLU A 149 16.04 6.43 6.52
C GLU A 149 15.43 5.41 5.54
N GLU A 150 14.13 5.15 5.68
CA GLU A 150 13.46 4.19 4.78
C GLU A 150 13.15 4.76 3.41
N CYS A 151 13.55 5.98 3.13
CA CYS A 151 13.43 6.63 1.84
C CYS A 151 12.00 6.92 1.42
N MET A 152 11.14 7.24 2.39
CA MET A 152 9.74 7.57 2.17
C MET A 152 9.42 8.98 2.66
N PRO A 153 8.37 9.61 2.09
CA PRO A 153 7.95 10.93 2.60
C PRO A 153 7.52 10.87 4.07
N LEU A 154 7.93 11.86 4.85
CA LEU A 154 7.58 11.89 6.29
C LEU A 154 6.07 11.98 6.51
N THR A 155 5.36 12.69 5.63
CA THR A 155 3.91 12.83 5.77
C THR A 155 3.20 11.48 5.78
N ILE A 156 3.56 10.58 4.84
CA ILE A 156 2.88 9.28 4.81
C ILE A 156 3.39 8.32 5.88
N VAL A 157 4.68 8.42 6.24
CA VAL A 157 5.22 7.56 7.31
C VAL A 157 4.49 7.85 8.61
N LEU A 158 4.33 9.13 8.94
CA LEU A 158 3.64 9.50 10.17
C LEU A 158 2.17 9.11 10.11
N ALA A 159 1.50 9.36 8.97
CA ALA A 159 0.10 8.96 8.84
C ALA A 159 -0.10 7.43 9.05
N HIS A 160 0.77 6.60 8.46
CA HIS A 160 0.69 5.14 8.67
C HIS A 160 0.94 4.77 10.14
N LYS A 161 1.96 5.37 10.76
CA LYS A 161 2.27 5.06 12.15
C LYS A 161 1.15 5.42 13.12
N LEU A 162 0.38 6.48 12.80
CA LEU A 162 -0.74 6.86 13.66
C LEU A 162 -1.81 5.76 13.60
N ASN A 163 -2.07 5.20 12.38
CA ASN A 163 -3.02 4.08 12.30
C ASN A 163 -2.50 2.83 12.98
N ALA A 164 -1.21 2.52 12.83
CA ALA A 164 -0.64 1.35 13.50
C ALA A 164 -0.73 1.48 15.03
N LYS A 165 -0.53 2.69 15.56
CA LYS A 165 -0.65 2.95 17.00
C LYS A 165 -2.09 2.72 17.49
N LEU A 166 -3.08 3.16 16.71
CA LEU A 166 -4.49 2.93 17.07
C LEU A 166 -4.76 1.42 17.12
N ALA A 167 -4.28 0.66 16.13
CA ALA A 167 -4.49 -0.80 16.15
C ALA A 167 -3.79 -1.47 17.34
N GLU A 168 -2.59 -1.00 17.70
CA GLU A 168 -1.86 -1.52 18.83
C GLU A 168 -2.62 -1.29 20.14
N LEU A 169 -3.14 -0.08 20.37
CA LEU A 169 -3.85 0.25 21.61
C LEU A 169 -5.23 -0.41 21.67
N ARG A 170 -5.82 -0.69 20.51
CA ARG A 170 -7.08 -1.43 20.47
C ARG A 170 -6.77 -2.87 20.88
N ARG A 171 -5.77 -3.48 20.25
CA ARG A 171 -5.46 -4.88 20.48
C ARG A 171 -4.89 -5.18 21.85
N ASN A 172 -4.15 -4.26 22.48
CA ASN A 172 -3.62 -4.54 23.82
C ASN A 172 -4.59 -4.11 24.96
N GLY A 173 -5.77 -3.60 24.59
CA GLY A 173 -6.78 -3.22 25.58
C GLY A 173 -6.59 -1.90 26.29
N THR A 174 -5.59 -1.07 25.90
CA THR A 174 -5.35 0.26 26.48
C THR A 174 -6.54 1.19 26.21
N LEU A 175 -7.06 1.18 24.97
CA LEU A 175 -8.23 2.00 24.59
C LEU A 175 -9.28 1.02 24.08
N PRO A 176 -10.01 0.37 25.00
CA PRO A 176 -10.95 -0.66 24.58
C PRO A 176 -12.17 -0.17 23.84
N TRP A 177 -12.40 1.16 23.82
CA TRP A 177 -13.48 1.76 23.05
C TRP A 177 -13.14 1.90 21.56
N LEU A 178 -11.91 1.65 21.14
CA LEU A 178 -11.54 1.74 19.74
C LEU A 178 -12.13 0.59 18.93
N ARG A 179 -12.50 0.91 17.71
CA ARG A 179 -12.96 -0.06 16.72
C ARG A 179 -11.98 -0.04 15.52
N PRO A 180 -12.03 -1.04 14.62
CA PRO A 180 -10.98 -1.16 13.61
C PRO A 180 -10.89 -0.11 12.48
N ASP A 181 -11.98 0.61 12.20
CA ASP A 181 -11.99 1.56 11.09
C ASP A 181 -11.36 2.89 11.50
N SER A 182 -10.34 3.36 10.79
CA SER A 182 -9.71 4.63 11.13
C SER A 182 -9.13 5.29 9.90
N LYS A 183 -8.93 6.61 10.00
CA LYS A 183 -8.25 7.42 8.99
C LYS A 183 -7.43 8.45 9.68
N THR A 184 -6.29 8.78 9.08
CA THR A 184 -5.41 9.81 9.63
C THR A 184 -4.92 10.69 8.49
N GLN A 185 -4.43 11.89 8.81
CA GLN A 185 -3.91 12.76 7.78
C GLN A 185 -2.93 13.68 8.43
N VAL A 186 -1.79 13.83 7.81
CA VAL A 186 -0.68 14.62 8.35
C VAL A 186 -0.24 15.65 7.32
N THR A 187 -0.18 16.92 7.73
CA THR A 187 0.33 18.00 6.92
C THR A 187 1.66 18.44 7.53
N VAL A 188 2.75 18.40 6.76
CA VAL A 188 4.07 18.80 7.23
C VAL A 188 4.47 20.06 6.47
N GLN A 189 5.15 20.96 7.18
CA GLN A 189 5.72 22.15 6.62
C GLN A 189 7.17 21.79 6.32
N TYR A 190 7.56 21.97 5.08
CA TYR A 190 8.89 21.63 4.57
C TYR A 190 9.64 22.85 4.09
N MET A 191 10.96 22.71 3.98
CA MET A 191 11.82 23.66 3.29
C MET A 191 12.37 22.96 2.03
N GLN A 192 12.63 23.71 0.97
CA GLN A 192 13.22 23.20 -0.25
C GLN A 192 14.76 23.29 -0.14
N ASP A 193 15.47 22.29 -0.67
CA ASP A 193 16.92 22.27 -0.61
C ASP A 193 17.50 21.68 -1.90
N ARG A 194 17.66 22.50 -2.94
CA ARG A 194 18.21 22.06 -4.22
C ARG A 194 17.48 20.83 -4.80
N GLY A 195 16.15 20.88 -4.76
CA GLY A 195 15.34 19.77 -5.26
C GLY A 195 14.95 18.76 -4.20
N ALA A 196 15.73 18.67 -3.12
CA ALA A 196 15.40 17.75 -2.03
C ALA A 196 14.47 18.48 -1.07
N VAL A 197 13.78 17.75 -0.18
CA VAL A 197 12.85 18.39 0.76
C VAL A 197 13.26 18.07 2.18
N LEU A 198 13.15 19.07 3.07
CA LEU A 198 13.54 18.94 4.48
C LEU A 198 12.34 19.24 5.36
N PRO A 199 11.88 18.27 6.14
CA PRO A 199 10.73 18.52 7.03
C PRO A 199 11.12 19.46 8.14
N ILE A 200 10.27 20.45 8.44
CA ILE A 200 10.49 21.39 9.54
C ILE A 200 9.59 21.11 10.74
N ARG A 201 8.27 20.96 10.52
CA ARG A 201 7.33 20.77 11.62
C ARG A 201 6.04 20.20 11.09
N VAL A 202 5.27 19.59 11.98
CA VAL A 202 3.94 19.13 11.67
C VAL A 202 3.00 20.31 11.86
N HIS A 203 2.27 20.64 10.80
CA HIS A 203 1.35 21.77 10.75
C HIS A 203 -0.05 21.39 11.23
N THR A 204 -0.56 20.24 10.75
CA THR A 204 -1.92 19.77 11.08
C THR A 204 -1.96 18.25 11.15
N ILE A 205 -2.74 17.70 12.11
CA ILE A 205 -3.00 16.26 12.16
C ILE A 205 -4.52 16.06 12.26
N VAL A 206 -5.06 15.15 11.46
CA VAL A 206 -6.44 14.70 11.54
C VAL A 206 -6.43 13.25 11.98
N ILE A 207 -7.30 12.89 12.91
CA ILE A 207 -7.52 11.48 13.23
C ILE A 207 -9.01 11.28 13.38
N SER A 208 -9.55 10.30 12.69
CA SER A 208 -10.95 9.86 12.84
C SER A 208 -10.91 8.39 13.08
N VAL A 209 -11.55 7.92 14.18
CA VAL A 209 -11.56 6.47 14.43
C VAL A 209 -12.91 6.03 14.96
N GLN A 210 -13.37 4.89 14.48
CA GLN A 210 -14.61 4.29 14.93
C GLN A 210 -14.50 3.92 16.41
N HIS A 211 -15.61 4.15 17.13
CA HIS A 211 -15.60 3.96 18.58
C HIS A 211 -16.91 3.38 19.09
N ASP A 212 -16.90 2.95 20.37
CA ASP A 212 -18.12 2.41 20.99
C ASP A 212 -19.09 3.52 21.43
N GLU A 213 -20.32 3.13 21.78
CA GLU A 213 -21.37 4.07 22.16
C GLU A 213 -21.21 4.66 23.55
N GLU A 214 -20.28 4.17 24.36
CA GLU A 214 -20.17 4.61 25.75
C GLU A 214 -19.12 5.68 26.02
N VAL A 215 -18.09 5.78 25.18
CA VAL A 215 -17.01 6.74 25.43
C VAL A 215 -17.39 8.16 25.00
N CYS A 216 -17.01 9.15 25.82
CA CYS A 216 -17.32 10.52 25.44
C CYS A 216 -16.23 11.13 24.55
N LEU A 217 -16.65 12.11 23.79
CA LEU A 217 -15.82 12.83 22.85
C LEU A 217 -14.58 13.44 23.52
N ASP A 218 -14.71 13.99 24.73
CA ASP A 218 -13.55 14.56 25.41
C ASP A 218 -12.53 13.52 25.79
N GLU A 219 -13.00 12.34 26.22
CA GLU A 219 -12.04 11.27 26.56
C GLU A 219 -11.31 10.81 25.32
N MET A 220 -12.04 10.69 24.19
CA MET A 220 -11.41 10.28 22.95
C MET A 220 -10.37 11.30 22.49
N ARG A 221 -10.71 12.59 22.50
CA ARG A 221 -9.77 13.60 22.00
C ARG A 221 -8.52 13.66 22.85
N ASP A 222 -8.68 13.57 24.19
CA ASP A 222 -7.53 13.57 25.09
C ASP A 222 -6.64 12.34 24.83
N ALA A 223 -7.25 11.15 24.68
CA ALA A 223 -6.47 9.93 24.40
C ALA A 223 -5.77 10.01 23.06
N LEU A 224 -6.42 10.53 22.01
CA LEU A 224 -5.79 10.62 20.68
C LEU A 224 -4.57 11.55 20.74
N LYS A 225 -4.62 12.62 21.54
CA LYS A 225 -3.49 13.51 21.64
C LYS A 225 -2.38 12.89 22.50
N GLU A 226 -2.72 12.43 23.71
CA GLU A 226 -1.72 11.93 24.64
C GLU A 226 -1.18 10.54 24.40
N LYS A 227 -2.04 9.60 24.01
CA LYS A 227 -1.62 8.21 23.82
C LYS A 227 -1.33 7.80 22.40
N VAL A 228 -1.77 8.60 21.41
CA VAL A 228 -1.56 8.28 20.01
C VAL A 228 -0.57 9.25 19.37
N ILE A 229 -0.94 10.55 19.22
CA ILE A 229 -0.03 11.52 18.59
C ILE A 229 1.31 11.61 19.33
N LYS A 230 1.26 11.77 20.65
CA LYS A 230 2.52 11.90 21.40
C LYS A 230 3.36 10.65 21.40
N ALA A 231 2.75 9.49 21.21
CA ALA A 231 3.47 8.22 21.14
C ALA A 231 4.03 7.91 19.74
N VAL A 232 3.76 8.77 18.74
CA VAL A 232 4.20 8.54 17.38
C VAL A 232 5.06 9.68 16.82
N VAL A 233 4.60 10.92 16.96
CA VAL A 233 5.25 12.07 16.35
C VAL A 233 6.25 12.68 17.30
N PRO A 234 7.52 12.78 16.88
CA PRO A 234 8.53 13.42 17.75
C PRO A 234 8.13 14.84 18.16
N ALA A 235 8.33 15.19 19.44
CA ALA A 235 7.96 16.51 19.94
C ALA A 235 8.63 17.65 19.18
N LYS A 236 9.81 17.41 18.61
CA LYS A 236 10.52 18.44 17.84
C LYS A 236 9.71 18.94 16.64
N TYR A 237 8.74 18.15 16.15
CA TYR A 237 7.88 18.57 15.05
C TYR A 237 6.59 19.25 15.54
N LEU A 238 6.27 19.16 16.83
CA LEU A 238 5.03 19.70 17.36
C LEU A 238 5.27 20.97 18.13
N ASP A 239 4.40 21.94 17.94
CA ASP A 239 4.52 23.20 18.67
C ASP A 239 3.15 23.78 19.04
N GLU A 240 3.13 24.94 19.69
CA GLU A 240 1.90 25.57 20.12
C GLU A 240 0.95 25.91 18.96
N ASP A 241 1.47 26.01 17.72
CA ASP A 241 0.67 26.34 16.56
C ASP A 241 0.15 25.11 15.80
N THR A 242 0.60 23.89 16.14
CA THR A 242 0.11 22.67 15.46
C THR A 242 -1.38 22.54 15.64
N ILE A 243 -2.10 22.30 14.54
CA ILE A 243 -3.54 22.19 14.55
C ILE A 243 -3.95 20.74 14.65
N TYR A 244 -4.87 20.42 15.56
CA TYR A 244 -5.37 19.05 15.74
C TYR A 244 -6.85 18.99 15.44
N HIS A 245 -7.21 18.10 14.53
CA HIS A 245 -8.61 17.80 14.20
C HIS A 245 -8.84 16.35 14.64
N LEU A 246 -9.30 16.17 15.88
CA LEU A 246 -9.44 14.83 16.47
C LEU A 246 -10.88 14.49 16.62
N GLN A 247 -11.32 13.39 16.01
CA GLN A 247 -12.77 13.10 15.91
C GLN A 247 -13.56 14.33 15.39
N PRO A 248 -13.12 14.96 14.27
CA PRO A 248 -13.79 16.17 13.80
C PRO A 248 -15.24 16.03 13.40
N SER A 249 -15.69 14.81 13.09
CA SER A 249 -17.11 14.62 12.77
C SER A 249 -17.98 14.63 14.05
N GLY A 250 -17.38 14.43 15.22
CA GLY A 250 -18.10 14.43 16.49
C GLY A 250 -18.65 13.08 16.92
N ARG A 251 -18.88 12.17 15.98
CA ARG A 251 -19.44 10.85 16.25
C ARG A 251 -19.11 9.89 15.14
N PHE A 252 -18.57 8.72 15.49
CA PHE A 252 -18.18 7.69 14.54
C PHE A 252 -18.41 6.33 15.20
N VAL A 253 -19.66 6.00 15.48
CA VAL A 253 -20.03 4.69 16.05
C VAL A 253 -20.27 3.71 14.90
N ILE A 254 -21.02 4.14 13.90
CA ILE A 254 -21.25 3.36 12.68
C ILE A 254 -19.96 3.44 11.86
N GLY A 255 -19.37 2.30 11.53
CA GLY A 255 -18.13 2.28 10.77
C GLY A 255 -17.96 0.98 10.02
N GLY A 256 -16.77 0.77 9.50
CA GLY A 256 -16.49 -0.39 8.65
C GLY A 256 -17.38 -0.38 7.42
N PRO A 257 -17.64 -1.56 6.84
CA PRO A 257 -18.50 -1.63 5.65
C PRO A 257 -19.93 -1.14 5.85
N GLN A 258 -20.43 -1.10 7.09
CA GLN A 258 -21.75 -0.56 7.34
C GLN A 258 -21.80 0.95 7.07
N GLY A 259 -20.73 1.67 7.41
CA GLY A 259 -20.71 3.11 7.19
C GLY A 259 -20.35 3.55 5.79
N ASP A 260 -19.64 2.71 5.04
CA ASP A 260 -19.15 3.08 3.72
C ASP A 260 -18.76 1.83 2.95
N ALA A 261 -19.24 1.69 1.69
CA ALA A 261 -18.83 0.54 0.89
C ALA A 261 -17.37 0.59 0.57
N GLY A 262 -16.71 -0.56 0.70
CA GLY A 262 -15.30 -0.70 0.39
C GLY A 262 -15.09 -1.52 -0.87
N LEU A 263 -13.98 -1.23 -1.57
CA LEU A 263 -13.60 -1.96 -2.78
C LEU A 263 -12.09 -2.12 -2.81
N THR A 264 -11.61 -3.20 -3.43
CA THR A 264 -10.17 -3.38 -3.61
C THR A 264 -9.63 -2.28 -4.54
N GLY A 265 -8.45 -1.77 -4.22
CA GLY A 265 -7.79 -0.82 -5.10
C GLY A 265 -8.35 0.58 -5.10
N ARG A 266 -8.92 0.97 -3.98
CA ARG A 266 -9.43 2.32 -3.80
C ARG A 266 -8.60 3.14 -2.79
N LYS A 267 -7.42 2.64 -2.43
CA LYS A 267 -6.50 3.31 -1.53
C LYS A 267 -5.08 3.27 -2.15
N ILE A 268 -4.98 3.49 -3.46
CA ILE A 268 -3.71 3.29 -4.17
C ILE A 268 -2.64 4.32 -3.82
N ILE A 269 -3.05 5.48 -3.31
CA ILE A 269 -2.11 6.56 -2.89
C ILE A 269 -1.61 6.29 -1.47
N VAL A 270 -2.51 5.79 -0.58
CA VAL A 270 -2.14 5.31 0.74
C VAL A 270 -1.18 4.13 0.59
N ASP A 271 -1.38 3.27 -0.43
CA ASP A 271 -0.52 2.12 -0.64
C ASP A 271 0.88 2.47 -1.09
N THR A 272 1.07 3.69 -1.61
CA THR A 272 2.30 4.06 -2.26
C THR A 272 2.95 5.28 -1.59
N TYR A 273 2.81 6.51 -2.15
CA TYR A 273 3.63 7.62 -1.67
C TYR A 273 2.88 8.80 -1.10
N GLY A 274 1.59 8.67 -0.83
CA GLY A 274 0.84 9.75 -0.15
C GLY A 274 0.71 11.06 -0.90
N GLY A 275 0.74 11.00 -2.23
CA GLY A 275 0.60 12.18 -3.05
C GLY A 275 1.92 12.65 -3.63
N TRP A 276 3.04 12.19 -3.04
CA TRP A 276 4.37 12.52 -3.58
C TRP A 276 4.66 11.65 -4.81
N GLY A 277 5.58 12.13 -5.66
CA GLY A 277 5.93 11.38 -6.85
C GLY A 277 4.81 11.42 -7.85
N ALA A 278 4.30 10.23 -8.23
CA ALA A 278 3.22 10.13 -9.22
C ALA A 278 2.63 8.74 -9.13
N HIS A 279 1.49 8.51 -9.78
CA HIS A 279 0.88 7.18 -9.78
C HIS A 279 0.35 6.89 -11.17
N GLY A 280 0.51 5.65 -11.60
CA GLY A 280 0.02 5.22 -12.91
C GLY A 280 -1.41 4.70 -12.92
N GLY A 281 -2.00 4.50 -11.75
CA GLY A 281 -3.41 4.08 -11.63
C GLY A 281 -3.70 2.66 -11.24
N GLY A 282 -2.73 1.80 -11.36
CA GLY A 282 -2.92 0.38 -11.09
C GLY A 282 -2.94 0.02 -9.62
N ALA A 283 -3.90 -0.80 -9.23
CA ALA A 283 -3.99 -1.29 -7.85
C ALA A 283 -3.10 -2.52 -7.69
N PHE A 284 -2.65 -2.79 -6.47
CA PHE A 284 -1.77 -3.92 -6.21
C PHE A 284 -2.49 -5.18 -5.77
N SER A 285 -3.43 -5.07 -4.82
CA SER A 285 -3.96 -6.24 -4.11
C SER A 285 -4.79 -7.19 -4.95
N GLY A 286 -4.63 -8.47 -4.70
CA GLY A 286 -5.37 -9.51 -5.41
C GLY A 286 -4.77 -9.94 -6.73
N LYS A 287 -3.55 -9.49 -7.05
CA LYS A 287 -2.90 -9.78 -8.33
C LYS A 287 -1.57 -10.49 -8.19
N ASP A 288 -1.39 -11.55 -8.99
CA ASP A 288 -0.11 -12.27 -9.05
C ASP A 288 0.93 -11.43 -9.84
N TYR A 289 2.17 -11.89 -9.86
CA TYR A 289 3.29 -11.14 -10.45
C TYR A 289 3.14 -10.81 -11.94
N THR A 290 2.41 -11.63 -12.70
CA THR A 290 2.25 -11.35 -14.13
C THR A 290 1.49 -10.04 -14.37
N LYS A 291 0.77 -9.53 -13.35
CA LYS A 291 0.12 -8.25 -13.44
C LYS A 291 1.15 -7.19 -13.07
N VAL A 292 1.71 -6.53 -14.09
CA VAL A 292 2.75 -5.51 -13.92
C VAL A 292 2.31 -4.32 -13.07
N ASP A 293 0.98 -4.12 -12.87
CA ASP A 293 0.48 -3.08 -11.96
C ASP A 293 1.13 -3.26 -10.57
N ARG A 294 1.39 -4.51 -10.18
CA ARG A 294 2.06 -4.83 -8.93
C ARG A 294 3.55 -5.04 -9.12
N SER A 295 3.97 -6.01 -9.94
CA SER A 295 5.38 -6.36 -10.05
C SER A 295 6.26 -5.23 -10.54
N ALA A 296 5.80 -4.47 -11.54
CA ALA A 296 6.64 -3.38 -12.06
C ALA A 296 6.64 -2.19 -11.12
N ALA A 297 5.56 -1.97 -10.36
CA ALA A 297 5.55 -0.91 -9.36
C ALA A 297 6.54 -1.25 -8.24
N TYR A 298 6.61 -2.53 -7.83
CA TYR A 298 7.56 -2.94 -6.81
C TYR A 298 8.99 -2.80 -7.35
N ALA A 299 9.21 -3.21 -8.61
CA ALA A 299 10.54 -3.05 -9.23
C ALA A 299 10.92 -1.58 -9.35
N ALA A 300 9.94 -0.72 -9.67
CA ALA A 300 10.21 0.71 -9.81
C ALA A 300 10.60 1.34 -8.48
N ARG A 301 9.99 0.89 -7.38
CA ARG A 301 10.38 1.33 -6.05
C ARG A 301 11.81 0.85 -5.75
N TRP A 302 12.14 -0.38 -6.12
CA TRP A 302 13.43 -0.97 -5.92
C TRP A 302 14.52 -0.16 -6.67
N VAL A 303 14.22 0.23 -7.91
CA VAL A 303 15.14 1.08 -8.68
C VAL A 303 15.32 2.44 -7.97
N ALA A 304 14.19 3.10 -7.61
CA ALA A 304 14.27 4.42 -6.98
C ALA A 304 15.06 4.40 -5.68
N LYS A 305 14.78 3.40 -4.82
CA LYS A 305 15.49 3.26 -3.56
C LYS A 305 16.96 2.94 -3.77
N SER A 306 17.29 2.13 -4.78
CA SER A 306 18.69 1.82 -5.10
C SER A 306 19.44 3.07 -5.55
N LEU A 307 18.80 3.96 -6.33
CA LEU A 307 19.46 5.18 -6.77
C LEU A 307 19.73 6.13 -5.57
N VAL A 308 18.78 6.25 -4.63
CA VAL A 308 18.96 7.13 -3.47
C VAL A 308 19.98 6.53 -2.49
N LYS A 309 19.80 5.27 -2.10
CA LYS A 309 20.74 4.61 -1.18
C LYS A 309 22.13 4.45 -1.76
N GLY A 310 22.24 4.35 -3.08
CA GLY A 310 23.54 4.29 -3.75
C GLY A 310 24.25 5.64 -3.84
N GLY A 311 23.60 6.69 -3.36
CA GLY A 311 24.18 8.04 -3.33
C GLY A 311 24.18 8.75 -4.65
N LEU A 312 23.35 8.29 -5.62
CA LEU A 312 23.30 8.94 -6.93
C LEU A 312 22.37 10.13 -6.96
N CYS A 313 21.39 10.20 -6.05
CA CYS A 313 20.47 11.32 -5.97
C CYS A 313 19.84 11.35 -4.60
N ARG A 314 19.20 12.46 -4.27
CA ARG A 314 18.50 12.59 -2.99
C ARG A 314 17.03 12.29 -3.12
N ARG A 315 16.45 12.43 -4.32
CA ARG A 315 15.02 12.25 -4.57
C ARG A 315 14.89 11.86 -6.02
N VAL A 316 14.00 10.90 -6.31
CA VAL A 316 13.90 10.41 -7.69
C VAL A 316 12.56 9.80 -7.96
N LEU A 317 12.08 10.01 -9.18
CA LEU A 317 10.84 9.48 -9.72
C LEU A 317 11.23 8.63 -10.94
N VAL A 318 10.75 7.40 -10.99
CA VAL A 318 10.98 6.45 -12.07
C VAL A 318 9.64 6.14 -12.75
N GLN A 319 9.55 6.21 -14.07
CA GLN A 319 8.35 5.75 -14.77
C GLN A 319 8.74 4.58 -15.62
N VAL A 320 7.86 3.55 -15.65
CA VAL A 320 8.02 2.44 -16.58
C VAL A 320 6.62 2.24 -17.23
N SER A 321 6.57 1.65 -18.41
CA SER A 321 5.29 1.31 -19.04
C SER A 321 5.39 0.03 -19.84
N TYR A 322 4.25 -0.63 -20.04
CA TYR A 322 4.20 -1.92 -20.71
C TYR A 322 3.04 -2.02 -21.68
N ALA A 323 3.10 -3.01 -22.58
CA ALA A 323 1.96 -3.39 -23.41
C ALA A 323 1.62 -4.84 -23.03
N ILE A 324 0.33 -5.21 -23.04
CA ILE A 324 -0.07 -6.60 -22.76
C ILE A 324 0.58 -7.55 -23.78
N GLY A 325 1.17 -8.62 -23.27
CA GLY A 325 1.82 -9.62 -24.12
C GLY A 325 3.26 -9.35 -24.46
N VAL A 326 3.77 -8.18 -24.13
CA VAL A 326 5.15 -7.78 -24.46
C VAL A 326 5.98 -7.81 -23.18
N SER A 327 7.12 -8.49 -23.17
CA SER A 327 7.92 -8.64 -21.95
C SER A 327 8.66 -7.38 -21.51
N HIS A 328 9.40 -6.76 -22.44
CA HIS A 328 10.19 -5.59 -22.08
C HIS A 328 9.34 -4.36 -21.92
N PRO A 329 9.72 -3.46 -20.99
CA PRO A 329 9.01 -2.19 -20.89
C PRO A 329 9.10 -1.40 -22.21
N LEU A 330 8.03 -0.67 -22.51
CA LEU A 330 7.95 0.20 -23.68
C LEU A 330 8.71 1.50 -23.46
N SER A 331 8.76 1.98 -22.22
CA SER A 331 9.47 3.20 -21.87
C SER A 331 9.98 3.11 -20.44
N ILE A 332 11.11 3.81 -20.19
CA ILE A 332 11.69 3.94 -18.86
C ILE A 332 12.15 5.39 -18.75
N SER A 333 11.78 6.09 -17.68
CA SER A 333 12.19 7.47 -17.49
C SER A 333 12.61 7.71 -16.06
N ILE A 334 13.63 8.55 -15.87
CA ILE A 334 14.17 8.89 -14.55
C ILE A 334 14.17 10.40 -14.39
N PHE A 335 13.57 10.90 -13.31
CA PHE A 335 13.49 12.32 -12.99
C PHE A 335 14.12 12.51 -11.60
N HIS A 336 15.21 13.29 -11.49
CA HIS A 336 15.90 13.41 -10.20
C HIS A 336 15.71 14.72 -9.49
N TYR A 337 14.75 15.56 -9.93
CA TYR A 337 14.39 16.83 -9.28
C TYR A 337 15.56 17.80 -9.13
N GLY A 338 16.65 17.56 -9.84
CA GLY A 338 17.84 18.37 -9.71
C GLY A 338 18.76 17.94 -8.58
N THR A 339 18.53 16.74 -8.00
CA THR A 339 19.29 16.27 -6.83
C THR A 339 20.44 15.35 -7.14
N SER A 340 20.93 15.37 -8.37
CA SER A 340 22.08 14.56 -8.74
C SER A 340 23.04 15.41 -9.55
N GLN A 341 24.33 15.10 -9.44
CA GLN A 341 25.32 15.71 -10.32
C GLN A 341 25.27 15.06 -11.71
N LYS A 342 24.78 13.79 -11.80
CA LYS A 342 24.65 13.12 -13.07
C LYS A 342 23.38 13.58 -13.75
N SER A 343 23.39 13.60 -15.08
CA SER A 343 22.19 13.97 -15.80
C SER A 343 21.15 12.84 -15.64
N GLU A 344 19.88 13.15 -15.91
CA GLU A 344 18.83 12.14 -15.86
C GLU A 344 19.09 11.06 -16.93
N ARG A 345 19.65 11.43 -18.10
CA ARG A 345 20.00 10.46 -19.12
C ARG A 345 21.11 9.52 -18.61
N GLU A 346 22.11 10.03 -17.85
CA GLU A 346 23.14 9.15 -17.29
C GLU A 346 22.51 8.20 -16.26
N LEU A 347 21.58 8.70 -15.41
CA LEU A 347 20.90 7.81 -14.46
C LEU A 347 20.09 6.75 -15.19
N LEU A 348 19.44 7.12 -16.30
CA LEU A 348 18.69 6.15 -17.10
C LEU A 348 19.63 5.05 -17.65
N GLU A 349 20.83 5.40 -18.14
CA GLU A 349 21.78 4.41 -18.61
C GLU A 349 22.26 3.49 -17.47
N ILE A 350 22.48 4.02 -16.26
CA ILE A 350 22.86 3.20 -15.11
C ILE A 350 21.70 2.21 -14.79
N VAL A 351 20.46 2.70 -14.83
CA VAL A 351 19.29 1.82 -14.59
C VAL A 351 19.23 0.70 -15.62
N LYS A 352 19.38 1.04 -16.92
CA LYS A 352 19.33 0.03 -17.98
C LYS A 352 20.44 -1.01 -17.88
N LYS A 353 21.62 -0.60 -17.41
CA LYS A 353 22.73 -1.55 -17.25
C LYS A 353 22.62 -2.43 -16.02
N ASN A 354 21.80 -2.03 -15.04
CA ASN A 354 21.72 -2.77 -13.78
C ASN A 354 20.43 -3.51 -13.52
N PHE A 355 19.35 -3.17 -14.25
CA PHE A 355 18.07 -3.79 -14.00
C PHE A 355 17.47 -4.39 -15.27
N ASP A 356 16.74 -5.48 -15.10
CA ASP A 356 15.98 -6.14 -16.18
C ASP A 356 14.52 -6.10 -15.68
N LEU A 357 13.72 -5.22 -16.29
CA LEU A 357 12.37 -4.98 -15.82
C LEU A 357 11.28 -5.79 -16.56
N ARG A 358 11.66 -6.93 -17.12
CA ARG A 358 10.68 -7.86 -17.66
C ARG A 358 10.01 -8.53 -16.44
N PRO A 359 8.69 -8.74 -16.46
CA PRO A 359 8.04 -9.36 -15.29
C PRO A 359 8.58 -10.75 -14.92
N GLY A 360 8.99 -11.51 -15.93
CA GLY A 360 9.56 -12.84 -15.72
C GLY A 360 10.95 -12.87 -15.14
N VAL A 361 11.60 -11.70 -15.04
CA VAL A 361 12.88 -11.55 -14.36
C VAL A 361 12.65 -10.88 -13.00
N ILE A 362 11.77 -9.88 -12.92
CA ILE A 362 11.40 -9.25 -11.65
C ILE A 362 10.89 -10.30 -10.64
N VAL A 363 10.14 -11.31 -11.12
CA VAL A 363 9.64 -12.36 -10.22
C VAL A 363 10.76 -13.11 -9.53
N ARG A 364 11.90 -13.33 -10.23
CA ARG A 364 13.05 -14.01 -9.67
C ARG A 364 13.79 -13.09 -8.69
N ASP A 365 14.08 -11.85 -9.10
CA ASP A 365 14.82 -10.89 -8.27
C ASP A 365 14.10 -10.52 -6.98
N LEU A 366 12.77 -10.40 -7.04
CA LEU A 366 11.98 -9.98 -5.88
C LEU A 366 11.20 -11.11 -5.23
N ASP A 367 11.38 -12.37 -5.68
CA ASP A 367 10.75 -13.56 -5.10
C ASP A 367 9.23 -13.39 -5.03
N LEU A 368 8.61 -12.97 -6.13
CA LEU A 368 7.20 -12.61 -6.15
C LEU A 368 6.20 -13.78 -6.19
N LYS A 369 6.65 -15.04 -6.17
CA LYS A 369 5.72 -16.16 -6.01
C LYS A 369 5.51 -16.50 -4.52
N LYS A 370 6.26 -15.85 -3.60
CA LYS A 370 6.11 -16.13 -2.18
C LYS A 370 4.82 -15.55 -1.64
N PRO A 371 4.09 -16.33 -0.81
CA PRO A 371 2.83 -15.83 -0.27
C PRO A 371 2.97 -14.84 0.90
N ILE A 372 3.51 -13.63 0.61
CA ILE A 372 3.65 -12.59 1.64
C ILE A 372 2.76 -11.38 1.39
N TYR A 373 1.80 -11.48 0.48
CA TYR A 373 1.05 -10.33 0.05
C TYR A 373 0.06 -9.80 1.05
N GLN A 374 -0.57 -10.63 1.90
CA GLN A 374 -1.51 -10.07 2.89
C GLN A 374 -0.78 -9.08 3.82
N ARG A 375 0.49 -9.33 4.11
CA ARG A 375 1.31 -8.43 4.92
C ARG A 375 1.47 -7.04 4.30
N THR A 376 1.45 -6.95 2.96
CA THR A 376 1.62 -5.65 2.28
C THR A 376 0.36 -4.81 2.23
N ALA A 377 -0.82 -5.43 2.49
CA ALA A 377 -2.11 -4.82 2.20
C ALA A 377 -2.67 -3.82 3.21
N ALA A 378 -1.92 -3.48 4.23
CA ALA A 378 -2.24 -2.36 5.11
C ALA A 378 -0.92 -1.68 5.51
N TYR A 379 -0.97 -0.38 5.82
CA TYR A 379 0.21 0.40 6.25
C TYR A 379 1.20 0.69 5.14
N GLY A 380 0.78 0.55 3.89
CA GLY A 380 1.62 0.84 2.74
C GLY A 380 2.47 -0.32 2.27
N HIS A 381 2.77 -0.36 0.98
CA HIS A 381 3.60 -1.47 0.44
C HIS A 381 5.09 -1.15 0.50
N PHE A 382 5.43 0.11 0.75
CA PHE A 382 6.80 0.60 0.69
C PHE A 382 7.25 1.17 2.01
N GLY A 383 8.55 1.15 2.21
CA GLY A 383 9.22 1.70 3.39
C GLY A 383 9.17 0.86 4.63
N ARG A 384 8.69 -0.38 4.53
CA ARG A 384 8.53 -1.25 5.69
C ARG A 384 9.14 -2.60 5.51
N ASP A 385 9.53 -3.22 6.62
CA ASP A 385 9.86 -4.63 6.81
C ASP A 385 10.91 -5.28 5.93
N SER A 386 11.75 -4.52 5.25
CA SER A 386 12.80 -5.06 4.42
C SER A 386 12.32 -6.10 3.43
N PHE A 387 11.15 -5.83 2.79
CA PHE A 387 10.61 -6.66 1.69
C PHE A 387 11.68 -6.63 0.57
N PRO A 388 11.76 -7.60 -0.36
CA PRO A 388 12.86 -7.58 -1.34
C PRO A 388 13.04 -6.27 -2.11
N TRP A 389 11.92 -5.59 -2.44
CA TRP A 389 11.98 -4.32 -3.16
C TRP A 389 12.49 -3.14 -2.31
N GLU A 390 12.68 -3.36 -0.99
CA GLU A 390 13.22 -2.36 -0.09
C GLU A 390 14.72 -2.60 0.20
N VAL A 391 15.33 -3.67 -0.35
CA VAL A 391 16.73 -3.93 -0.13
C VAL A 391 17.46 -3.42 -1.35
N PRO A 392 18.23 -2.32 -1.24
CA PRO A 392 18.87 -1.77 -2.46
C PRO A 392 19.76 -2.73 -3.22
N LYS A 393 19.82 -2.54 -4.53
CA LYS A 393 20.72 -3.31 -5.38
C LYS A 393 22.00 -2.51 -5.54
N LYS A 394 23.16 -3.17 -5.42
CA LYS A 394 24.46 -2.53 -5.61
C LYS A 394 24.60 -2.23 -7.09
N LEU A 395 24.86 -0.96 -7.43
CA LEU A 395 24.93 -0.56 -8.83
C LEU A 395 26.34 -0.51 -9.39
N LYS A 396 26.50 -1.03 -10.60
CA LYS A 396 27.78 -1.03 -11.29
C LYS A 396 27.73 -0.03 -12.43
N TYR A 397 28.70 0.88 -12.49
CA TYR A 397 28.78 1.91 -13.51
C TYR A 397 30.16 2.57 -13.53
#